data_5E3T
#
_entry.id   5E3T
#
_cell.length_a   87.928
_cell.length_b   87.928
_cell.length_c   156.462
_cell.angle_alpha   90.000
_cell.angle_beta   90.000
_cell.angle_gamma   90.000
#
_symmetry.space_group_name_H-M   'P 43 21 2'
#
loop_
_entity.id
_entity.type
_entity.pdbx_description
1 polymer 'Phosphatidylinositol-4-phosphate 5-kinase, type I, alpha'
2 non-polymer 'PHOSPHOAMINOPHOSPHONIC ACID-ADENYLATE ESTER'
3 non-polymer 'MANGANESE (II) ION'
4 water water
#
_entity_poly.entity_id   1
_entity_poly.type   'polypeptide(L)'
_entity_poly.pdbx_seq_one_letter_code
;KTTSSALKGAIQLGITHSVGSLSQKPERDVLMQDFEVVESIFFPSQGSSSTPGHHHGDFKFKTYAPIAFRYFREMFGIRP
DDYLYSLCNEPLIELSNPGASGSLFYVSSDDEFIIKTVQHKEAEFLQTLLPGYFMNLNQNMRTLLPKFYGLYCVQADGKN
IRIVVMNNLLPRAVPMHLKFDLKGSTYKRRASPKERSKGVPTYKDLDFMQDMPEGILLENDHYTALSRTMQRDCRVLQSF
KIMDYSLLVGIHILHRAGEEASTAVPDTQKKGQGQKPLYCTAIESIQGESKSKTSPQPYESMGGIPAFNSKGERLLVFIG
IIDILQSYRLVKKLEHSWKALLHDGDTVSVHRPSFYADRFQKFMCSTVFRKS
;
_entity_poly.pdbx_strand_id   A
#
loop_
_chem_comp.id
_chem_comp.type
_chem_comp.name
_chem_comp.formula
ANP non-polymer 'PHOSPHOAMINOPHOSPHONIC ACID-ADENYLATE ESTER' 'C10 H17 N6 O12 P3'
MN non-polymer 'MANGANESE (II) ION' 'Mn 2'
#
# COMPACT_ATOMS: atom_id res chain seq x y z
N THR A 2 -14.28 20.99 6.79
CA THR A 2 -14.03 19.53 6.56
C THR A 2 -14.12 18.69 7.86
N THR A 3 -14.72 17.50 7.75
CA THR A 3 -14.69 16.49 8.82
C THR A 3 -13.36 15.72 8.79
N SER A 4 -12.33 16.33 8.19
CA SER A 4 -11.00 15.76 8.11
C SER A 4 -10.42 15.49 9.51
N SER A 5 -9.93 16.53 10.18
CA SER A 5 -9.31 16.34 11.50
C SER A 5 -10.30 15.67 12.46
N ALA A 6 -11.59 15.81 12.19
CA ALA A 6 -12.61 15.04 12.89
C ALA A 6 -12.38 13.53 12.72
N LEU A 7 -12.05 13.11 11.49
CA LEU A 7 -11.75 11.71 11.20
C LEU A 7 -10.34 11.35 11.65
N LYS A 8 -9.36 12.17 11.30
CA LYS A 8 -7.98 11.92 11.73
C LYS A 8 -7.94 11.50 13.22
N GLY A 9 -8.86 12.03 14.02
CA GLY A 9 -8.90 11.65 15.42
C GLY A 9 -9.42 10.25 15.62
N ALA A 10 -10.56 9.96 15.00
CA ALA A 10 -11.25 8.69 15.22
C ALA A 10 -10.28 7.56 14.99
N ILE A 11 -9.49 7.71 13.95
CA ILE A 11 -8.46 6.76 13.62
C ILE A 11 -7.49 6.60 14.79
N GLN A 12 -6.76 7.66 15.11
CA GLN A 12 -5.71 7.55 16.12
C GLN A 12 -6.25 7.11 17.48
N LEU A 13 -7.41 7.61 17.90
CA LEU A 13 -8.02 7.17 19.17
C LEU A 13 -8.40 5.70 19.00
N GLY A 14 -8.99 5.37 17.86
CA GLY A 14 -9.52 4.03 17.60
C GLY A 14 -8.49 2.91 17.55
N ILE A 15 -7.54 3.03 16.64
CA ILE A 15 -6.45 2.08 16.53
C ILE A 15 -5.85 1.83 17.90
N THR A 16 -5.45 2.94 18.53
CA THR A 16 -4.75 2.86 19.79
C THR A 16 -5.50 1.95 20.74
N HIS A 17 -6.78 2.21 20.91
CA HIS A 17 -7.61 1.32 21.70
C HIS A 17 -7.63 -0.10 21.09
N SER A 18 -7.85 -0.19 19.79
CA SER A 18 -7.89 -1.49 19.07
C SER A 18 -6.68 -2.38 19.24
N VAL A 19 -5.52 -1.75 19.30
CA VAL A 19 -4.28 -2.47 19.37
C VAL A 19 -3.89 -2.75 20.79
N GLY A 20 -4.10 -1.77 21.66
CA GLY A 20 -3.82 -1.96 23.09
C GLY A 20 -4.70 -3.08 23.59
N SER A 21 -5.94 -3.06 23.10
CA SER A 21 -6.86 -4.14 23.28
C SER A 21 -6.20 -5.46 22.96
N LEU A 22 -5.58 -5.57 21.81
CA LEU A 22 -5.03 -6.87 21.41
C LEU A 22 -3.92 -7.30 22.34
N SER A 23 -2.98 -6.40 22.58
CA SER A 23 -1.80 -6.77 23.34
C SER A 23 -2.16 -7.33 24.74
N GLN A 24 -3.41 -7.19 25.18
CA GLN A 24 -3.92 -8.03 26.29
C GLN A 24 -4.02 -9.49 25.82
N LYS A 25 -5.01 -9.80 24.99
CA LYS A 25 -5.16 -11.13 24.39
C LYS A 25 -3.78 -11.69 23.94
N PRO A 26 -3.44 -12.94 24.32
CA PRO A 26 -2.09 -13.50 24.13
C PRO A 26 -1.84 -14.10 22.71
N GLU A 27 -0.57 -14.24 22.35
CA GLU A 27 -0.20 -14.73 21.03
C GLU A 27 -0.77 -16.11 20.74
N ARG A 28 -1.10 -16.33 19.47
CA ARG A 28 -1.63 -17.59 19.01
C ARG A 28 -1.66 -17.61 17.48
N ASP A 29 -1.32 -18.73 16.87
CA ASP A 29 -1.30 -18.83 15.43
C ASP A 29 -2.58 -18.32 14.83
N VAL A 30 -2.49 -17.85 13.59
CA VAL A 30 -3.68 -17.32 12.94
C VAL A 30 -4.40 -18.48 12.27
N LEU A 31 -5.71 -18.34 12.18
CA LEU A 31 -6.61 -19.38 11.76
C LEU A 31 -7.60 -18.86 10.75
N MET A 32 -7.96 -19.73 9.82
CA MET A 32 -8.83 -19.35 8.71
C MET A 32 -10.04 -18.51 9.16
N GLN A 33 -10.55 -18.82 10.33
CA GLN A 33 -11.64 -18.08 10.95
C GLN A 33 -11.22 -16.61 11.18
N ASP A 34 -10.06 -16.40 11.78
CA ASP A 34 -9.63 -15.06 12.15
C ASP A 34 -9.82 -13.99 11.06
N PHE A 35 -9.85 -14.43 9.80
CA PHE A 35 -9.89 -13.49 8.69
C PHE A 35 -11.23 -12.78 8.58
N GLU A 36 -12.31 -13.57 8.62
CA GLU A 36 -13.67 -13.03 8.51
C GLU A 36 -14.12 -12.19 9.69
N VAL A 37 -13.47 -12.27 10.85
CA VAL A 37 -13.98 -11.52 12.00
C VAL A 37 -13.82 -10.05 11.74
N VAL A 38 -14.68 -9.28 12.43
CA VAL A 38 -14.61 -7.80 12.47
C VAL A 38 -15.12 -7.36 13.81
N GLU A 39 -14.28 -6.70 14.58
CA GLU A 39 -14.62 -6.25 15.92
C GLU A 39 -14.89 -4.75 15.87
N SER A 40 -16.01 -4.34 16.47
CA SER A 40 -16.37 -2.93 16.51
C SER A 40 -16.20 -2.40 17.93
N ILE A 41 -16.15 -1.07 18.08
CA ILE A 41 -15.98 -0.45 19.40
C ILE A 41 -16.64 0.94 19.43
N PHE A 42 -17.58 1.14 20.36
CA PHE A 42 -18.36 2.40 20.46
C PHE A 42 -17.56 3.49 21.15
N PHE A 43 -17.59 4.71 20.59
CA PHE A 43 -16.83 5.85 21.13
C PHE A 43 -17.74 7.02 21.50
N PRO A 44 -18.26 7.02 22.75
CA PRO A 44 -19.11 8.14 23.12
C PRO A 44 -18.24 9.37 23.33
N SER A 45 -18.73 10.56 22.95
CA SER A 45 -17.93 11.78 23.07
C SER A 45 -17.68 12.14 24.54
N GLN A 46 -18.60 11.72 25.42
CA GLN A 46 -18.33 11.60 26.86
C GLN A 46 -17.17 10.61 27.13
N GLY A 47 -17.42 9.33 26.82
CA GLY A 47 -16.41 8.28 26.95
C GLY A 47 -16.78 7.34 28.08
N SER A 48 -16.88 6.05 27.78
CA SER A 48 -17.13 5.06 28.83
C SER A 48 -15.88 4.87 29.70
N SER A 49 -15.98 3.93 30.62
CA SER A 49 -14.83 3.48 31.41
C SER A 49 -14.30 2.26 30.68
N SER A 50 -13.71 2.55 29.52
CA SER A 50 -13.46 1.58 28.46
C SER A 50 -13.12 2.36 27.19
N THR A 51 -14.00 3.29 26.79
CA THR A 51 -13.87 4.10 25.54
C THR A 51 -13.61 5.62 25.72
N PRO A 52 -12.74 6.01 26.67
CA PRO A 52 -12.83 7.36 27.21
C PRO A 52 -12.09 8.44 26.39
N GLY A 53 -12.36 9.71 26.75
CA GLY A 53 -11.72 10.92 26.16
C GLY A 53 -12.72 11.60 25.24
N HIS A 54 -12.23 12.41 24.29
CA HIS A 54 -12.94 12.63 22.99
C HIS A 54 -13.11 14.09 22.48
N HIS A 55 -14.29 14.70 22.69
CA HIS A 55 -14.68 15.99 22.04
C HIS A 55 -14.32 16.07 20.54
N HIS A 56 -14.99 15.25 19.72
CA HIS A 56 -14.62 15.07 18.29
C HIS A 56 -15.78 14.73 17.34
N GLY A 57 -16.63 13.77 17.72
CA GLY A 57 -17.81 13.43 16.93
C GLY A 57 -18.17 11.96 17.02
N ASP A 58 -19.03 11.62 17.98
CA ASP A 58 -19.51 10.24 18.19
C ASP A 58 -19.44 9.28 16.98
N PHE A 59 -18.71 8.19 17.17
CA PHE A 59 -18.44 7.21 16.11
C PHE A 59 -18.15 5.82 16.67
N LYS A 60 -18.39 4.80 15.84
CA LYS A 60 -17.97 3.43 16.14
C LYS A 60 -16.67 3.18 15.36
N PHE A 61 -15.77 2.37 15.93
CA PHE A 61 -14.51 2.02 15.26
C PHE A 61 -14.39 0.52 14.93
N LYS A 62 -14.64 0.19 13.67
CA LYS A 62 -14.62 -1.18 13.19
C LYS A 62 -13.14 -1.59 12.94
N THR A 63 -12.73 -2.74 13.50
CA THR A 63 -11.38 -3.29 13.26
C THR A 63 -11.50 -4.63 12.57
N TYR A 64 -10.62 -4.90 11.63
CA TYR A 64 -10.82 -6.04 10.72
C TYR A 64 -9.78 -7.12 10.84
N ALA A 65 -10.23 -8.34 11.07
CA ALA A 65 -9.38 -9.49 10.99
C ALA A 65 -8.15 -9.28 11.85
N PRO A 66 -8.38 -8.91 13.12
CA PRO A 66 -7.31 -8.40 13.96
C PRO A 66 -6.12 -9.35 14.04
N ILE A 67 -6.38 -10.61 14.36
CA ILE A 67 -5.28 -11.52 14.59
C ILE A 67 -4.42 -11.67 13.34
N ALA A 68 -5.03 -11.57 12.18
CA ALA A 68 -4.27 -11.62 10.96
C ALA A 68 -3.38 -10.41 10.86
N PHE A 69 -3.93 -9.23 11.06
CA PHE A 69 -3.07 -8.07 10.91
C PHE A 69 -2.02 -8.00 12.02
N ARG A 70 -2.27 -8.63 13.17
CA ARG A 70 -1.20 -8.78 14.16
C ARG A 70 -0.12 -9.58 13.47
N TYR A 71 -0.52 -10.74 12.96
CA TYR A 71 0.39 -11.69 12.31
C TYR A 71 1.15 -11.01 11.21
N PHE A 72 0.46 -10.23 10.38
CA PHE A 72 1.15 -9.65 9.25
C PHE A 72 2.15 -8.63 9.74
N ARG A 73 1.71 -7.71 10.58
CA ARG A 73 2.61 -6.72 11.10
C ARG A 73 3.82 -7.46 11.54
N GLU A 74 3.59 -8.47 12.36
CA GLU A 74 4.65 -9.24 12.96
C GLU A 74 5.64 -9.62 11.89
N MET A 75 5.11 -10.21 10.82
CA MET A 75 5.89 -10.79 9.75
C MET A 75 6.53 -9.75 8.91
N PHE A 76 5.98 -8.55 8.91
CA PHE A 76 6.61 -7.43 8.25
C PHE A 76 7.49 -6.67 9.23
N GLY A 77 7.66 -7.24 10.41
CA GLY A 77 8.50 -6.62 11.42
C GLY A 77 8.04 -5.27 11.88
N ILE A 78 6.81 -5.18 12.34
CA ILE A 78 6.33 -3.91 12.79
C ILE A 78 5.88 -4.02 14.23
N ARG A 79 6.84 -3.67 15.08
CA ARG A 79 6.62 -3.64 16.50
C ARG A 79 5.43 -2.72 16.74
N PRO A 80 4.50 -3.12 17.60
CA PRO A 80 3.29 -2.33 17.79
C PRO A 80 3.49 -0.95 18.35
N ASP A 81 4.34 -0.80 19.35
CA ASP A 81 4.50 0.53 19.93
C ASP A 81 5.05 1.45 18.83
N ASP A 82 5.92 0.92 17.98
CA ASP A 82 6.43 1.65 16.83
C ASP A 82 5.27 2.06 15.93
N TYR A 83 4.38 1.11 15.68
CA TYR A 83 3.16 1.32 14.89
C TYR A 83 2.32 2.38 15.57
N LEU A 84 1.66 1.99 16.67
CA LEU A 84 0.89 2.91 17.47
C LEU A 84 1.51 4.28 17.53
N TYR A 85 2.80 4.36 17.81
CA TYR A 85 3.41 5.67 17.92
C TYR A 85 3.29 6.42 16.61
N SER A 86 4.13 6.06 15.64
CA SER A 86 4.33 6.91 14.46
C SER A 86 2.99 7.23 13.84
N LEU A 87 2.03 6.35 14.14
CA LEU A 87 0.70 6.40 13.58
C LEU A 87 -0.33 7.17 14.41
N CYS A 88 -0.34 7.00 15.72
CA CYS A 88 -1.38 7.63 16.55
C CYS A 88 -0.95 8.85 17.34
N ASN A 89 0.33 8.95 17.72
CA ASN A 89 0.78 10.07 18.53
C ASN A 89 1.60 11.04 17.69
N GLU A 90 1.07 11.46 16.56
CA GLU A 90 1.83 12.18 15.55
C GLU A 90 0.88 12.49 14.39
N PRO A 91 0.66 13.79 14.13
CA PRO A 91 -0.42 14.26 13.26
C PRO A 91 -0.37 13.65 11.87
N LEU A 92 -1.51 13.16 11.41
CA LEU A 92 -1.60 12.54 10.12
C LEU A 92 -1.70 13.62 9.09
N ILE A 93 -0.76 13.63 8.15
CA ILE A 93 -0.73 14.70 7.18
C ILE A 93 -1.42 14.23 5.91
N GLU A 94 -2.35 15.07 5.42
CA GLU A 94 -3.25 14.71 4.33
C GLU A 94 -2.47 14.65 3.03
N LEU A 95 -3.19 14.54 1.93
CA LEU A 95 -2.50 14.36 0.68
C LEU A 95 -3.45 14.44 -0.54
N SER A 96 -3.04 15.21 -1.55
CA SER A 96 -3.77 15.30 -2.81
C SER A 96 -3.31 14.19 -3.78
N ASN A 97 -4.26 13.42 -4.32
CA ASN A 97 -3.98 12.35 -5.30
C ASN A 97 -5.27 11.72 -5.87
N GLY A 102 -11.78 10.17 -6.13
CA GLY A 102 -12.16 9.07 -5.25
C GLY A 102 -10.96 8.26 -4.81
N SER A 103 -10.65 8.36 -3.51
CA SER A 103 -9.49 7.70 -2.82
C SER A 103 -8.71 8.81 -2.11
N LEU A 104 -8.90 8.94 -0.79
CA LEU A 104 -8.19 9.94 0.05
C LEU A 104 -7.02 9.27 0.78
N PHE A 105 -5.81 9.79 0.54
CA PHE A 105 -4.57 9.30 1.16
C PHE A 105 -4.06 10.18 2.33
N TYR A 106 -3.70 9.57 3.46
CA TYR A 106 -3.01 10.29 4.53
C TYR A 106 -1.64 9.67 4.73
N VAL A 107 -0.77 10.32 5.50
CA VAL A 107 0.61 9.85 5.68
C VAL A 107 1.08 10.00 7.12
N SER A 108 1.95 9.11 7.54
CA SER A 108 2.50 9.20 8.89
C SER A 108 3.39 10.43 8.96
N SER A 109 3.42 11.04 10.13
CA SER A 109 4.28 12.19 10.27
C SER A 109 5.71 11.84 9.92
N ASP A 110 6.07 10.57 10.02
CA ASP A 110 7.43 10.11 9.67
C ASP A 110 7.58 9.38 8.33
N ASP A 111 6.63 9.56 7.42
CA ASP A 111 6.72 9.03 6.04
C ASP A 111 6.90 7.50 5.98
N GLU A 112 6.46 6.80 7.01
CA GLU A 112 6.60 5.35 7.09
C GLU A 112 5.38 4.70 6.48
N PHE A 113 4.23 5.23 6.87
CA PHE A 113 2.97 4.56 6.63
C PHE A 113 2.03 5.38 5.77
N ILE A 114 1.42 4.74 4.77
CA ILE A 114 0.30 5.35 4.07
C ILE A 114 -1.04 4.81 4.56
N ILE A 115 -2.05 5.67 4.49
CA ILE A 115 -3.42 5.29 4.68
C ILE A 115 -4.22 5.61 3.43
N LYS A 116 -4.95 4.63 2.91
CA LYS A 116 -5.94 4.84 1.87
C LYS A 116 -7.26 4.64 2.50
N THR A 117 -8.27 5.09 1.78
CA THR A 117 -9.65 4.83 2.10
C THR A 117 -9.99 3.68 1.20
N VAL A 118 -11.21 3.18 1.26
CA VAL A 118 -11.62 2.17 0.28
C VAL A 118 -13.13 2.05 0.04
N GLN A 119 -13.48 1.95 -1.25
CA GLN A 119 -14.81 1.55 -1.67
C GLN A 119 -15.11 0.31 -0.84
N HIS A 120 -16.25 0.30 -0.17
CA HIS A 120 -16.68 -0.88 0.58
C HIS A 120 -16.53 -2.17 -0.25
N LYS A 121 -16.82 -2.12 -1.56
CA LYS A 121 -16.56 -3.28 -2.45
C LYS A 121 -15.17 -3.80 -2.16
N GLU A 122 -14.22 -2.87 -2.22
CA GLU A 122 -12.79 -3.14 -2.02
C GLU A 122 -12.49 -3.76 -0.65
N ALA A 123 -12.82 -3.10 0.44
CA ALA A 123 -12.67 -3.79 1.71
C ALA A 123 -13.20 -5.22 1.62
N GLU A 124 -14.48 -5.39 1.32
CA GLU A 124 -15.02 -6.74 1.23
C GLU A 124 -14.14 -7.69 0.39
N PHE A 125 -13.63 -7.24 -0.75
CA PHE A 125 -12.74 -8.08 -1.57
C PHE A 125 -11.57 -8.55 -0.75
N LEU A 126 -10.94 -7.58 -0.12
CA LEU A 126 -9.72 -7.78 0.61
C LEU A 126 -9.99 -8.75 1.73
N GLN A 127 -11.04 -8.52 2.49
CA GLN A 127 -11.41 -9.46 3.53
C GLN A 127 -11.25 -10.85 2.98
N THR A 128 -11.68 -11.06 1.73
CA THR A 128 -11.61 -12.39 1.14
C THR A 128 -10.18 -12.78 0.73
N LEU A 129 -9.49 -11.82 0.15
CA LEU A 129 -8.10 -11.99 -0.25
C LEU A 129 -7.16 -12.53 0.84
N LEU A 130 -7.38 -12.15 2.09
CA LEU A 130 -6.44 -12.44 3.16
C LEU A 130 -5.79 -13.82 3.05
N PRO A 131 -6.57 -14.86 3.15
CA PRO A 131 -5.99 -16.17 2.96
C PRO A 131 -5.02 -16.23 1.77
N GLY A 132 -5.47 -15.75 0.62
CA GLY A 132 -4.59 -15.74 -0.56
C GLY A 132 -3.31 -14.97 -0.34
N TYR A 133 -3.42 -13.86 0.41
CA TYR A 133 -2.29 -13.02 0.77
C TYR A 133 -1.37 -13.88 1.60
N PHE A 134 -1.81 -14.24 2.79
CA PHE A 134 -1.07 -15.15 3.65
C PHE A 134 -0.29 -16.18 2.84
N MET A 135 -0.85 -16.72 1.78
CA MET A 135 -0.17 -17.83 1.14
C MET A 135 1.04 -17.33 0.40
N ASN A 136 0.77 -16.35 -0.43
CA ASN A 136 1.83 -15.67 -1.18
C ASN A 136 2.89 -15.23 -0.23
N LEU A 137 2.48 -14.50 0.80
CA LEU A 137 3.41 -13.93 1.76
C LEU A 137 4.39 -14.98 2.26
N ASN A 138 3.87 -16.15 2.69
CA ASN A 138 4.71 -17.25 3.18
C ASN A 138 5.42 -18.08 2.07
N GLN A 139 5.74 -17.50 0.92
CA GLN A 139 6.28 -18.27 -0.21
C GLN A 139 7.18 -17.41 -1.06
N ASN A 140 6.66 -16.26 -1.47
CA ASN A 140 7.48 -15.21 -2.06
C ASN A 140 7.71 -14.23 -0.96
N MET A 141 8.87 -14.36 -0.35
CA MET A 141 9.18 -13.63 0.87
C MET A 141 9.49 -12.22 0.37
N ARG A 142 10.09 -12.17 -0.83
CA ARG A 142 10.37 -10.92 -1.54
C ARG A 142 9.28 -10.46 -2.56
N THR A 143 8.00 -10.67 -2.25
CA THR A 143 6.92 -10.20 -3.13
C THR A 143 6.87 -8.66 -3.15
N LEU A 144 6.25 -8.11 -4.20
CA LEU A 144 6.08 -6.67 -4.36
C LEU A 144 4.74 -6.14 -3.89
N LEU A 145 3.82 -7.04 -3.57
CA LEU A 145 2.48 -6.60 -3.25
C LEU A 145 2.55 -5.74 -2.04
N PRO A 146 1.49 -4.99 -1.80
CA PRO A 146 1.38 -4.12 -0.67
C PRO A 146 1.55 -4.86 0.61
N LYS A 147 1.95 -4.13 1.64
CA LYS A 147 2.13 -4.68 2.94
C LYS A 147 1.01 -4.14 3.73
N PHE A 148 -0.05 -4.91 3.90
CA PHE A 148 -1.23 -4.37 4.55
C PHE A 148 -1.08 -4.52 6.01
N TYR A 149 -0.92 -3.43 6.73
CA TYR A 149 -0.71 -3.49 8.19
C TYR A 149 -2.04 -3.52 8.93
N GLY A 150 -3.10 -3.04 8.28
CA GLY A 150 -4.40 -3.06 8.92
C GLY A 150 -5.56 -2.61 8.07
N LEU A 151 -6.74 -3.06 8.44
CA LEU A 151 -7.95 -2.60 7.82
C LEU A 151 -8.85 -2.19 8.95
N TYR A 152 -9.48 -1.04 8.79
CA TYR A 152 -10.39 -0.48 9.80
C TYR A 152 -11.45 0.39 9.14
N CYS A 153 -12.57 0.57 9.85
CA CYS A 153 -13.64 1.46 9.41
C CYS A 153 -14.18 2.37 10.55
N VAL A 154 -14.71 3.54 10.14
CA VAL A 154 -15.20 4.58 11.06
C VAL A 154 -16.62 5.01 10.69
N GLN A 155 -17.44 5.35 11.70
CA GLN A 155 -18.84 5.74 11.44
C GLN A 155 -19.18 7.22 11.76
N ALA A 156 -19.30 8.03 10.71
CA ALA A 156 -19.68 9.45 10.84
C ALA A 156 -21.20 9.61 10.74
N ASP A 157 -21.87 9.46 11.87
CA ASP A 157 -23.33 9.42 11.92
C ASP A 157 -23.80 8.17 11.16
N GLY A 158 -24.34 8.37 9.97
CA GLY A 158 -24.69 7.27 9.08
C GLY A 158 -23.56 6.93 8.13
N LYS A 159 -22.84 7.95 7.66
CA LYS A 159 -21.69 7.77 6.76
C LYS A 159 -20.65 6.79 7.33
N ASN A 160 -20.08 5.96 6.46
CA ASN A 160 -19.05 4.96 6.80
C ASN A 160 -17.71 5.07 6.07
N ILE A 161 -16.61 5.18 6.80
CA ILE A 161 -15.32 5.24 6.12
C ILE A 161 -14.43 4.02 6.44
N ARG A 162 -14.02 3.34 5.37
CA ARG A 162 -13.22 2.15 5.45
C ARG A 162 -11.85 2.61 5.07
N ILE A 163 -10.82 2.17 5.79
CA ILE A 163 -9.43 2.49 5.43
C ILE A 163 -8.43 1.37 5.62
N VAL A 164 -7.35 1.47 4.86
CA VAL A 164 -6.27 0.49 4.90
C VAL A 164 -4.93 1.20 5.10
N VAL A 165 -4.18 0.70 6.07
CA VAL A 165 -2.87 1.18 6.43
C VAL A 165 -1.83 0.28 5.80
N MET A 166 -0.73 0.86 5.34
CA MET A 166 0.20 0.08 4.55
C MET A 166 1.52 0.81 4.41
N ASN A 167 2.49 0.19 3.75
CA ASN A 167 3.84 0.74 3.64
C ASN A 167 3.98 1.87 2.63
N ASN A 168 4.30 3.08 3.10
CA ASN A 168 4.77 4.07 2.14
C ASN A 168 6.01 3.50 1.43
N LEU A 169 5.97 3.50 0.11
CA LEU A 169 6.97 2.78 -0.65
C LEU A 169 8.16 3.68 -0.90
N LEU A 170 7.97 4.97 -0.61
CA LEU A 170 8.87 6.00 -1.08
C LEU A 170 9.05 6.98 0.06
N PRO A 171 9.85 6.60 1.06
CA PRO A 171 9.96 7.43 2.25
C PRO A 171 10.85 8.64 1.96
N ARG A 172 10.68 9.73 2.72
CA ARG A 172 11.44 10.97 2.48
C ARG A 172 12.93 10.67 2.67
N ALA A 173 13.20 9.78 3.64
CA ALA A 173 14.54 9.30 3.96
C ALA A 173 15.49 9.13 2.75
N VAL A 174 14.97 8.59 1.64
CA VAL A 174 15.68 8.64 0.35
C VAL A 174 15.01 9.70 -0.53
N PRO A 175 15.79 10.67 -1.03
CA PRO A 175 15.20 11.67 -1.89
C PRO A 175 15.07 11.13 -3.30
N MET A 176 13.85 10.96 -3.76
CA MET A 176 13.63 10.33 -5.05
C MET A 176 13.71 11.41 -6.11
N HIS A 177 14.45 11.15 -7.18
CA HIS A 177 14.54 12.11 -8.27
C HIS A 177 13.36 11.92 -9.25
N LEU A 178 13.37 10.81 -10.01
CA LEU A 178 12.25 10.45 -10.88
C LEU A 178 11.28 9.48 -10.14
N LYS A 179 9.97 9.64 -10.40
CA LYS A 179 8.89 8.83 -9.78
C LYS A 179 7.82 8.47 -10.81
N PHE A 180 7.80 7.22 -11.27
CA PHE A 180 6.80 6.77 -12.23
C PHE A 180 5.74 5.82 -11.66
N ASP A 181 4.47 6.07 -11.98
CA ASP A 181 3.39 5.09 -11.71
C ASP A 181 3.10 4.42 -13.04
N LEU A 182 3.32 3.12 -13.14
CA LEU A 182 3.33 2.47 -14.44
C LEU A 182 2.39 1.30 -14.50
N LYS A 183 2.00 0.93 -15.72
CA LYS A 183 0.92 -0.05 -15.95
C LYS A 183 1.09 -0.95 -17.13
N GLY A 184 2.05 -0.69 -18.01
CA GLY A 184 2.04 -1.30 -19.35
C GLY A 184 0.84 -0.95 -20.26
N SER A 185 0.13 0.15 -19.97
CA SER A 185 -0.94 0.70 -20.81
C SER A 185 -0.55 2.13 -21.20
N THR A 186 -1.32 2.79 -22.09
CA THR A 186 -0.98 4.17 -22.59
C THR A 186 -2.07 5.26 -22.61
N TYR A 187 -3.34 4.92 -22.86
CA TYR A 187 -4.41 5.96 -22.89
C TYR A 187 -4.47 6.79 -21.61
N LYS A 188 -4.16 8.08 -21.71
CA LYS A 188 -4.10 9.01 -20.57
C LYS A 188 -2.88 8.75 -19.65
N ARG A 189 -1.92 7.97 -20.15
CA ARG A 189 -0.77 7.57 -19.37
C ARG A 189 0.37 8.59 -19.58
N ARG A 190 -0.01 9.87 -19.41
CA ARG A 190 0.90 11.02 -19.42
C ARG A 190 0.55 11.76 -18.13
N ALA A 191 1.54 12.40 -17.48
CA ALA A 191 1.26 13.08 -16.21
C ALA A 191 0.63 14.43 -16.50
N SER A 192 -0.62 14.59 -16.06
CA SER A 192 -1.37 15.79 -16.39
C SER A 192 -0.55 17.03 -16.02
N PRO A 193 -0.74 18.14 -16.75
CA PRO A 193 -0.10 19.42 -16.46
C PRO A 193 0.01 19.77 -14.94
N LYS A 194 -1.13 19.73 -14.26
CA LYS A 194 -1.19 20.01 -12.81
C LYS A 194 -0.12 19.25 -12.03
N GLU A 195 0.06 17.97 -12.39
CA GLU A 195 1.06 17.09 -11.74
C GLU A 195 2.51 17.53 -12.00
N ARG A 196 2.79 18.04 -13.20
CA ARG A 196 4.17 18.26 -13.63
C ARG A 196 4.71 19.51 -12.94
N SER A 197 3.80 20.41 -12.61
CA SER A 197 4.08 21.52 -11.70
C SER A 197 4.29 21.02 -10.25
N LYS A 198 5.33 20.20 -10.04
CA LYS A 198 5.60 19.60 -8.74
C LYS A 198 7.09 19.26 -8.70
N GLY A 199 7.65 19.03 -7.51
CA GLY A 199 9.10 18.89 -7.32
C GLY A 199 9.70 17.72 -8.09
N VAL A 200 9.62 16.54 -7.47
CA VAL A 200 9.67 15.28 -8.21
C VAL A 200 8.19 14.99 -8.44
N PRO A 201 7.73 14.92 -9.71
CA PRO A 201 6.33 14.57 -9.95
C PRO A 201 6.13 13.08 -10.29
N THR A 202 4.89 12.61 -10.12
CA THR A 202 4.53 11.23 -10.40
C THR A 202 4.12 11.07 -11.86
N TYR A 203 5.11 10.65 -12.67
CA TYR A 203 4.95 10.53 -14.12
C TYR A 203 4.07 9.34 -14.51
N LYS A 204 4.48 8.56 -15.51
CA LYS A 204 3.60 7.57 -16.14
C LYS A 204 4.18 6.99 -17.42
N ASP A 205 3.54 5.94 -17.89
CA ASP A 205 4.14 5.11 -18.94
C ASP A 205 4.83 5.94 -20.00
N LEU A 206 4.10 6.87 -20.58
CA LEU A 206 4.58 7.58 -21.75
C LEU A 206 5.73 8.49 -21.36
N ASP A 207 5.55 9.20 -20.25
CA ASP A 207 6.57 10.06 -19.73
C ASP A 207 7.83 9.23 -19.66
N PHE A 208 7.74 8.05 -19.06
CA PHE A 208 8.91 7.18 -18.98
C PHE A 208 9.46 6.79 -20.36
N MET A 209 8.56 6.49 -21.28
CA MET A 209 8.95 6.10 -22.63
C MET A 209 9.67 7.24 -23.36
N GLN A 210 9.15 8.46 -23.24
CA GLN A 210 9.79 9.66 -23.81
C GLN A 210 11.07 9.98 -23.05
N ASP A 211 10.97 10.14 -21.73
CA ASP A 211 12.08 10.66 -20.92
C ASP A 211 13.19 9.67 -20.60
N MET A 212 13.11 8.43 -21.07
CA MET A 212 14.04 7.42 -20.56
C MET A 212 14.20 6.18 -21.43
N PRO A 213 14.15 6.36 -22.75
CA PRO A 213 13.78 5.21 -23.56
C PRO A 213 14.85 4.13 -23.57
N GLU A 214 16.08 4.46 -23.13
CA GLU A 214 17.16 3.49 -23.12
C GLU A 214 16.96 2.39 -22.03
N GLY A 215 16.35 2.76 -20.90
CA GLY A 215 15.90 1.76 -19.92
C GLY A 215 16.17 2.10 -18.47
N ILE A 216 16.08 1.07 -17.62
CA ILE A 216 16.77 1.05 -16.33
C ILE A 216 17.66 -0.19 -16.34
N LEU A 217 18.97 0.02 -16.34
CA LEU A 217 19.93 -1.06 -16.57
C LEU A 217 20.13 -1.83 -15.27
N LEU A 218 20.32 -3.14 -15.39
CA LEU A 218 20.26 -4.01 -14.23
C LEU A 218 21.23 -5.20 -14.28
N GLU A 219 22.06 -5.30 -13.25
CA GLU A 219 23.08 -6.34 -13.17
C GLU A 219 22.41 -7.69 -13.20
N ASN A 220 22.36 -8.28 -14.39
CA ASN A 220 21.85 -9.63 -14.59
C ASN A 220 21.09 -10.20 -13.39
N ASP A 221 21.79 -10.57 -12.33
CA ASP A 221 21.16 -11.30 -11.22
C ASP A 221 20.16 -10.49 -10.39
N HIS A 222 20.20 -9.16 -10.49
CA HIS A 222 19.16 -8.29 -9.91
C HIS A 222 17.89 -8.24 -10.76
N TYR A 223 18.09 -8.10 -12.05
CA TYR A 223 17.00 -8.22 -12.98
C TYR A 223 16.20 -9.52 -12.76
N THR A 224 16.91 -10.64 -12.72
CA THR A 224 16.31 -11.95 -12.54
C THR A 224 15.30 -12.03 -11.41
N ALA A 225 15.78 -11.74 -10.20
CA ALA A 225 14.96 -11.85 -9.00
C ALA A 225 13.71 -11.09 -9.22
N LEU A 226 13.88 -9.80 -9.49
CA LEU A 226 12.77 -8.92 -9.75
C LEU A 226 11.81 -9.58 -10.71
N SER A 227 12.33 -9.96 -11.87
CA SER A 227 11.51 -10.59 -12.87
C SER A 227 10.68 -11.75 -12.33
N ARG A 228 11.33 -12.77 -11.76
CA ARG A 228 10.55 -13.90 -11.23
C ARG A 228 9.56 -13.40 -10.17
N THR A 229 10.04 -12.51 -9.31
CA THR A 229 9.24 -12.01 -8.21
C THR A 229 8.06 -11.29 -8.73
N MET A 230 8.23 -10.65 -9.86
CA MET A 230 7.10 -10.04 -10.49
C MET A 230 6.21 -11.15 -10.97
N GLN A 231 6.77 -11.99 -11.82
CA GLN A 231 5.97 -13.01 -12.46
C GLN A 231 5.19 -13.84 -11.43
N ARG A 232 5.70 -13.91 -10.21
CA ARG A 232 4.95 -14.56 -9.16
C ARG A 232 3.78 -13.72 -8.74
N ASP A 233 4.03 -12.47 -8.39
CA ASP A 233 2.95 -11.54 -8.06
C ASP A 233 1.87 -11.46 -9.14
N CYS A 234 2.30 -11.28 -10.37
CA CYS A 234 1.37 -11.32 -11.45
C CYS A 234 0.56 -12.61 -11.47
N ARG A 235 1.18 -13.76 -11.22
CA ARG A 235 0.40 -14.98 -11.23
C ARG A 235 -0.64 -14.97 -10.09
N VAL A 236 -0.26 -14.49 -8.91
CA VAL A 236 -1.26 -14.33 -7.84
C VAL A 236 -2.40 -13.44 -8.28
N LEU A 237 -2.04 -12.26 -8.74
CA LEU A 237 -2.99 -11.16 -8.90
C LEU A 237 -4.04 -11.54 -9.88
N GLN A 238 -3.54 -12.06 -10.97
CA GLN A 238 -4.29 -12.69 -12.01
C GLN A 238 -5.27 -13.67 -11.42
N SER A 239 -4.81 -14.59 -10.58
CA SER A 239 -5.73 -15.53 -9.97
C SER A 239 -6.93 -14.87 -9.31
N PHE A 240 -6.84 -13.63 -8.85
CA PHE A 240 -8.00 -13.00 -8.22
C PHE A 240 -8.75 -12.03 -9.13
N LYS A 241 -8.50 -12.19 -10.42
CA LYS A 241 -9.25 -11.47 -11.41
C LYS A 241 -9.07 -9.95 -11.09
N ILE A 242 -7.87 -9.58 -10.67
CA ILE A 242 -7.52 -8.22 -10.28
C ILE A 242 -6.89 -7.45 -11.46
N MET A 243 -7.20 -6.14 -11.47
CA MET A 243 -6.84 -5.20 -12.54
C MET A 243 -6.51 -3.75 -12.03
N ASP A 244 -6.14 -2.88 -12.99
CA ASP A 244 -5.69 -1.50 -12.76
C ASP A 244 -4.42 -1.32 -11.87
N TYR A 245 -3.71 -2.41 -11.55
CA TYR A 245 -2.57 -2.30 -10.63
C TYR A 245 -1.39 -1.64 -11.31
N SER A 246 -0.63 -0.88 -10.53
CA SER A 246 0.47 -0.14 -11.10
C SER A 246 1.74 -0.52 -10.40
N LEU A 247 2.83 -0.60 -11.13
CA LEU A 247 4.15 -0.65 -10.50
C LEU A 247 4.61 0.76 -10.20
N LEU A 248 4.71 1.08 -8.93
CA LEU A 248 5.19 2.38 -8.53
C LEU A 248 6.70 2.31 -8.42
N VAL A 249 7.40 3.08 -9.24
CA VAL A 249 8.85 3.10 -9.22
C VAL A 249 9.39 4.44 -8.72
N GLY A 250 10.48 4.37 -7.95
CA GLY A 250 11.17 5.56 -7.44
C GLY A 250 12.66 5.43 -7.70
N ILE A 251 13.15 6.02 -8.80
CA ILE A 251 14.58 6.00 -9.17
C ILE A 251 15.29 7.10 -8.38
N HIS A 252 16.52 6.79 -7.97
CA HIS A 252 17.36 7.73 -7.22
C HIS A 252 18.82 7.68 -7.69
N ILE A 253 19.18 8.69 -8.50
CA ILE A 253 20.57 9.01 -8.87
C ILE A 253 21.33 9.48 -7.61
N LEU A 254 22.64 9.21 -7.52
CA LEU A 254 23.38 9.46 -6.23
C LEU A 254 24.82 10.10 -6.23
N HIS A 255 25.60 9.96 -7.30
CA HIS A 255 26.98 10.51 -7.36
C HIS A 255 27.93 9.73 -6.44
N MET A 302 19.90 2.20 2.42
CA MET A 302 20.39 0.95 1.86
C MET A 302 19.26 -0.04 1.48
N GLY A 303 18.00 0.42 1.50
CA GLY A 303 16.83 -0.46 1.26
C GLY A 303 16.53 -0.85 -0.19
N GLY A 304 16.92 0.00 -1.16
CA GLY A 304 16.52 -0.14 -2.57
C GLY A 304 17.35 -1.04 -3.48
N ILE A 305 17.04 -1.00 -4.77
CA ILE A 305 17.75 -1.83 -5.73
C ILE A 305 18.84 -1.07 -6.47
N PRO A 306 20.02 -1.70 -6.64
CA PRO A 306 21.08 -1.11 -7.47
C PRO A 306 20.75 -1.05 -8.95
N ALA A 307 21.18 0.00 -9.63
CA ALA A 307 21.07 0.04 -11.08
C ALA A 307 22.04 1.04 -11.69
N PHE A 308 22.22 0.93 -13.01
CA PHE A 308 23.05 1.83 -13.81
C PHE A 308 22.15 2.60 -14.80
N ASN A 309 22.64 3.74 -15.29
CA ASN A 309 21.84 4.77 -16.00
C ASN A 309 21.80 4.56 -17.54
N SER A 310 21.16 5.50 -18.24
CA SER A 310 21.39 5.71 -19.68
C SER A 310 22.82 6.26 -19.80
N LYS A 311 23.09 7.42 -19.18
CA LYS A 311 24.47 7.94 -18.97
C LYS A 311 25.27 6.86 -18.24
N GLY A 312 25.33 6.92 -16.91
CA GLY A 312 25.89 5.78 -16.18
C GLY A 312 25.98 5.83 -14.67
N GLU A 313 25.26 6.75 -14.01
CA GLU A 313 25.32 6.88 -12.54
C GLU A 313 24.81 5.62 -11.78
N ARG A 314 25.38 5.33 -10.61
CA ARG A 314 24.82 4.29 -9.78
C ARG A 314 23.45 4.78 -9.26
N LEU A 315 22.51 3.84 -9.12
CA LEU A 315 21.10 4.13 -8.81
C LEU A 315 20.58 3.20 -7.76
N LEU A 316 19.96 3.77 -6.72
CA LEU A 316 19.15 2.96 -5.79
C LEU A 316 17.65 3.17 -6.16
N VAL A 317 17.02 2.12 -6.71
CA VAL A 317 15.61 2.14 -7.19
C VAL A 317 14.65 1.47 -6.21
N PHE A 318 13.46 2.06 -6.04
CA PHE A 318 12.46 1.54 -5.12
C PHE A 318 11.16 1.28 -5.82
N ILE A 319 10.59 0.08 -5.60
CA ILE A 319 9.42 -0.32 -6.33
C ILE A 319 8.39 -1.07 -5.52
N GLY A 320 7.18 -1.11 -6.02
CA GLY A 320 6.16 -1.92 -5.36
C GLY A 320 4.81 -1.75 -5.99
N ILE A 321 4.13 -2.89 -6.17
CA ILE A 321 2.91 -2.92 -6.91
C ILE A 321 1.86 -2.33 -6.02
N ILE A 322 0.90 -1.62 -6.61
CA ILE A 322 -0.18 -0.97 -5.87
C ILE A 322 -1.56 -1.08 -6.51
N ASP A 323 -2.56 -0.62 -5.76
CA ASP A 323 -3.92 -0.50 -6.29
C ASP A 323 -4.38 -1.86 -6.77
N ILE A 324 -4.66 -2.71 -5.81
CA ILE A 324 -4.71 -4.14 -6.01
C ILE A 324 -6.09 -4.72 -5.66
N LEU A 325 -7.02 -3.85 -5.28
CA LEU A 325 -8.31 -4.25 -4.71
C LEU A 325 -9.53 -4.21 -5.64
N GLN A 326 -9.39 -3.57 -6.81
CA GLN A 326 -10.42 -3.63 -7.83
C GLN A 326 -10.24 -4.93 -8.61
N SER A 327 -11.15 -5.89 -8.34
CA SER A 327 -11.19 -7.17 -9.07
C SER A 327 -12.53 -7.40 -9.76
N TYR A 328 -12.49 -7.86 -11.00
CA TYR A 328 -13.66 -8.43 -11.68
C TYR A 328 -14.09 -9.79 -11.06
N ARG A 329 -14.24 -9.86 -9.72
CA ARG A 329 -14.38 -11.15 -8.99
C ARG A 329 -15.53 -12.07 -9.48
N SER A 349 -14.61 -9.85 -18.88
CA SER A 349 -14.20 -11.02 -19.64
C SER A 349 -13.32 -11.98 -18.82
N VAL A 350 -13.22 -13.21 -19.27
CA VAL A 350 -12.62 -14.30 -18.44
C VAL A 350 -11.06 -14.34 -18.45
N HIS A 351 -10.47 -13.97 -19.57
CA HIS A 351 -9.01 -13.95 -19.70
C HIS A 351 -8.44 -12.54 -19.51
N ARG A 352 -9.30 -11.57 -19.21
CA ARG A 352 -8.90 -10.15 -19.16
C ARG A 352 -7.83 -9.89 -18.10
N PRO A 353 -8.03 -10.43 -16.90
CA PRO A 353 -7.03 -10.17 -15.90
C PRO A 353 -5.75 -10.86 -16.25
N SER A 354 -5.86 -12.08 -16.78
CA SER A 354 -4.70 -12.76 -17.32
C SER A 354 -4.00 -11.86 -18.33
N PHE A 355 -4.77 -11.20 -19.16
CA PHE A 355 -4.19 -10.31 -20.14
C PHE A 355 -3.42 -9.16 -19.52
N TYR A 356 -4.07 -8.47 -18.56
CA TYR A 356 -3.45 -7.29 -17.93
C TYR A 356 -2.21 -7.62 -17.10
N ALA A 357 -2.08 -8.88 -16.72
CA ALA A 357 -0.90 -9.33 -16.01
C ALA A 357 0.28 -9.53 -16.96
N ASP A 358 0.07 -10.16 -18.10
CA ASP A 358 1.16 -10.39 -19.04
C ASP A 358 1.72 -9.09 -19.58
N ARG A 359 0.82 -8.14 -19.78
CA ARG A 359 1.26 -6.90 -20.32
C ARG A 359 2.17 -6.20 -19.31
N PHE A 360 1.65 -6.05 -18.09
CA PHE A 360 2.41 -5.50 -16.98
C PHE A 360 3.77 -6.15 -16.93
N GLN A 361 3.79 -7.47 -16.93
CA GLN A 361 5.04 -8.24 -17.02
C GLN A 361 5.91 -7.77 -18.18
N LYS A 362 5.51 -8.13 -19.39
CA LYS A 362 6.35 -7.92 -20.57
C LYS A 362 6.86 -6.48 -20.59
N PHE A 363 6.00 -5.53 -20.25
CA PHE A 363 6.45 -4.16 -20.13
C PHE A 363 7.57 -4.01 -19.12
N MET A 364 7.26 -4.05 -17.82
CA MET A 364 8.25 -3.79 -16.81
C MET A 364 9.50 -4.63 -17.01
N CYS A 365 9.32 -5.87 -17.44
CA CYS A 365 10.47 -6.73 -17.55
C CYS A 365 11.25 -6.57 -18.85
N SER A 366 10.62 -6.13 -19.94
CA SER A 366 11.39 -5.86 -21.17
C SER A 366 11.78 -4.41 -21.33
N THR A 367 10.80 -3.54 -21.22
CA THR A 367 10.99 -2.11 -21.41
C THR A 367 11.54 -1.31 -20.23
N VAL A 368 10.99 -1.50 -19.05
CA VAL A 368 11.28 -0.57 -17.96
C VAL A 368 12.60 -0.95 -17.32
N PHE A 369 12.78 -2.25 -17.11
CA PHE A 369 14.06 -2.78 -16.66
C PHE A 369 14.57 -3.65 -17.78
N ARG A 370 15.88 -3.63 -17.98
CA ARG A 370 16.56 -4.51 -18.95
C ARG A 370 18.01 -4.86 -18.50
N LYS A 371 18.54 -5.99 -18.98
CA LYS A 371 19.72 -6.66 -18.39
C LYS A 371 21.04 -6.06 -18.87
N SER A 372 22.13 -6.36 -18.14
CA SER A 372 23.45 -5.77 -18.40
C SER A 372 23.41 -4.24 -18.34
PG ANP B . -6.24 4.78 -10.22
O1G ANP B . -7.27 3.79 -9.77
O2G ANP B . -6.79 5.81 -11.22
O3G ANP B . -4.97 4.10 -10.67
PB ANP B . -6.48 5.19 -7.22
O1B ANP B . -7.39 4.00 -7.38
O2B ANP B . -7.02 6.37 -6.41
N3B ANP B . -5.81 5.65 -8.77
PA ANP B . -3.74 4.53 -6.52
O1A ANP B . -3.19 3.68 -5.40
O2A ANP B . -3.50 4.10 -7.94
O3A ANP B . -5.31 4.76 -6.20
O5' ANP B . -3.06 5.95 -6.27
C5' ANP B . -1.72 5.89 -6.75
C4' ANP B . -0.82 7.09 -6.42
O4' ANP B . -0.77 7.49 -5.02
C3' ANP B . 0.57 6.61 -6.85
O3' ANP B . 1.03 7.10 -8.13
C2' ANP B . 1.47 7.01 -5.70
O2' ANP B . 2.29 8.11 -6.07
C1' ANP B . 0.54 7.25 -4.51
N9 ANP B . 0.64 5.97 -3.74
C8 ANP B . -0.29 5.00 -3.60
N7 ANP B . 0.19 3.97 -2.86
C5 ANP B . 1.45 4.26 -2.52
C6 ANP B . 2.55 3.61 -1.75
N6 ANP B . 2.40 2.40 -1.16
N1 ANP B . 3.73 4.25 -1.66
C2 ANP B . 3.93 5.45 -2.23
N3 ANP B . 2.98 6.09 -2.93
C4 ANP B . 1.75 5.56 -3.10
MN MN C . -7.08 2.24 -8.44
MN MN D . -3.82 3.14 -9.58
#